data_6GYV
#
_entry.id   6GYV
#
_cell.length_a   57.630
_cell.length_b   85.710
_cell.length_c   108.530
_cell.angle_alpha   90.000
_cell.angle_beta   90.000
_cell.angle_gamma   90.000
#
_symmetry.space_group_name_H-M   'P 21 21 21'
#
loop_
_entity.id
_entity.type
_entity.pdbx_description
1 polymer 'Lariat-capping ribozyme'
2 non-polymer '2-(N-MORPHOLINO)-ETHANESULFONIC ACID'
3 non-polymer 'MAGNESIUM ION'
4 non-polymer 'SODIUM ION'
5 water water
#
_entity_poly.entity_id   1
_entity_poly.type   'polyribonucleotide'
_entity_poly.pdbx_seq_one_letter_code
;CAUCCGGUAUCCCAAGACAAUCUUCGGGUUGGGUUGGGAAGUAUCAUGGCUAAUCACCAUGAUGCAAUCGGGUUGAACAC
UUAAUUGGGUUAAAACGGUGGGGGACGAUCCCGUAACAUCCGUCCUAACGGCGACAGACUGCACGGCCCUGCCUCUUAGG
UGUGUCCAAUGAACAGUCGUUCCGAAAGGAAG
;
_entity_poly.pdbx_strand_id   A
#
loop_
_chem_comp.id
_chem_comp.type
_chem_comp.name
_chem_comp.formula
A RNA linking ADENOSINE-5'-MONOPHOSPHATE 'C10 H14 N5 O7 P'
C RNA linking CYTIDINE-5'-MONOPHOSPHATE 'C9 H14 N3 O8 P'
G RNA linking GUANOSINE-5'-MONOPHOSPHATE 'C10 H14 N5 O8 P'
MES non-polymer '2-(N-MORPHOLINO)-ETHANESULFONIC ACID' 'C6 H13 N O4 S'
MG non-polymer 'MAGNESIUM ION' 'Mg 2'
NA non-polymer 'SODIUM ION' 'Na 1'
U RNA linking URIDINE-5'-MONOPHOSPHATE 'C9 H13 N2 O9 P'
#
# COMPACT_ATOMS: atom_id res chain seq x y z
O1 MES B . -1.21 2.08 -1.11
C2 MES B . -0.07 2.10 -0.25
C3 MES B . 1.26 2.19 -1.01
N4 MES B . 1.04 3.17 -2.06
C5 MES B . 0.00 2.91 -3.06
C6 MES B . -0.91 1.83 -2.49
C7 MES B . 2.09 4.13 -2.38
C8 MES B . 3.43 3.45 -2.15
S MES B . 4.70 4.48 -2.50
O1S MES B . 4.22 5.89 -2.47
O2S MES B . 5.78 4.30 -1.51
O3S MES B . 5.22 4.17 -3.84
MG MG C . -7.23 -19.55 15.89
MG MG D . -15.03 -21.55 10.87
NA NA E . -3.29 0.40 -1.94
#